data_6WOG
#
_entry.id   6WOG
#
_cell.length_a   44.802
_cell.length_b   59.544
_cell.length_c   62.526
_cell.angle_alpha   90.000
_cell.angle_beta   90.000
_cell.angle_gamma   90.000
#
_symmetry.space_group_name_H-M   'P 21 21 21'
#
loop_
_entity.id
_entity.type
_entity.pdbx_description
1 polymer 'Diphosphoinositol polyphosphate phosphohydrolase 1'
2 non-polymer 'Methylenebisphosphonate inositol pentakisphosphate'
3 non-polymer 'SULFATE ION'
4 water water
#
_entity_poly.entity_id   1
_entity_poly.type   'polypeptide(L)'
_entity_poly.pdbx_seq_one_letter_code
;HHHHHHSSGVDLGTENLYFQSMMKLKSNQTRTYDGDGYKKRAACLCFRSESEEEVLLVSSSRHPDRWIVPGGGMEPEEEP
SVAAVREVCEEAGVKGTLGRLVGIFENQERKHRTYVYVLIVTEVLEDWEDSVNIGRKREWFKIEDAIKVLQYHKPVQASY
FETLRQGYS
;
_entity_poly.pdbx_strand_id   A
#
loop_
_chem_comp.id
_chem_comp.type
_chem_comp.name
_chem_comp.formula
5A3 non-polymer 'Methylenebisphosphonate inositol pentakisphosphate' 'C7 H21 O26 P7'
SO4 non-polymer 'SULFATE ION' 'O4 S -2'
#
# COMPACT_ATOMS: atom_id res chain seq x y z
N THR A 30 -0.99 -12.60 12.87
CA THR A 30 -1.93 -13.68 12.49
C THR A 30 -2.61 -13.31 11.17
N ARG A 31 -2.53 -14.21 10.18
CA ARG A 31 -3.15 -14.03 8.85
C ARG A 31 -4.66 -14.25 8.99
N THR A 32 -5.41 -13.44 8.27
CA THR A 32 -6.88 -13.48 8.29
C THR A 32 -7.38 -13.66 6.86
N TYR A 33 -8.57 -14.20 6.78
CA TYR A 33 -9.15 -14.68 5.50
C TYR A 33 -10.64 -14.35 5.42
N ASP A 34 -11.08 -14.07 4.21
CA ASP A 34 -12.54 -14.01 3.90
C ASP A 34 -13.11 -15.43 3.88
N GLY A 35 -14.43 -15.54 3.87
CA GLY A 35 -15.16 -16.81 3.90
C GLY A 35 -14.83 -17.70 2.71
N ASP A 36 -14.31 -17.12 1.63
CA ASP A 36 -13.90 -17.85 0.40
C ASP A 36 -12.41 -18.19 0.40
N GLY A 37 -11.69 -17.94 1.49
CA GLY A 37 -10.28 -18.33 1.66
C GLY A 37 -9.30 -17.30 1.12
N TYR A 38 -9.75 -16.15 0.61
CA TYR A 38 -8.82 -15.08 0.18
C TYR A 38 -8.21 -14.41 1.42
N LYS A 39 -6.91 -14.18 1.39
CA LYS A 39 -6.21 -13.47 2.47
C LYS A 39 -6.65 -11.99 2.47
N LYS A 40 -7.00 -11.48 3.66
CA LYS A 40 -7.47 -10.09 3.85
C LYS A 40 -6.27 -9.16 3.98
N ARG A 41 -6.24 -8.13 3.17
CA ARG A 41 -5.12 -7.17 3.12
C ARG A 41 -5.69 -5.77 3.04
N ALA A 42 -4.86 -4.80 3.40
CA ALA A 42 -5.22 -3.39 3.30
C ALA A 42 -3.98 -2.65 2.80
N ALA A 43 -4.19 -1.63 2.01
CA ALA A 43 -3.12 -0.82 1.40
C ALA A 43 -3.58 0.63 1.32
N CYS A 44 -2.63 1.56 1.21
CA CYS A 44 -2.97 2.97 0.95
C CYS A 44 -2.22 3.46 -0.28
N LEU A 45 -2.90 4.30 -1.04
CA LEU A 45 -2.29 5.20 -2.03
C LEU A 45 -1.88 6.44 -1.25
N CYS A 46 -0.60 6.53 -0.97
CA CYS A 46 0.01 7.54 -0.10
C CYS A 46 0.39 8.71 -0.99
N PHE A 47 -0.45 9.73 -1.03
CA PHE A 47 -0.19 10.89 -1.90
C PHE A 47 0.56 12.00 -1.15
N ARG A 48 1.37 12.73 -1.91
CA ARG A 48 2.22 13.80 -1.38
C ARG A 48 1.33 14.96 -0.90
N SER A 49 0.19 15.17 -1.57
CA SER A 49 -0.76 16.27 -1.27
C SER A 49 -2.19 15.91 -1.67
N GLU A 50 -3.14 16.80 -1.34
CA GLU A 50 -4.57 16.63 -1.69
C GLU A 50 -4.76 16.66 -3.21
N SER A 51 -3.76 17.11 -3.98
CA SER A 51 -3.83 17.12 -5.47
CA SER A 51 -3.79 17.12 -5.47
C SER A 51 -3.70 15.71 -6.03
N GLU A 52 -3.16 14.77 -5.25
CA GLU A 52 -3.06 13.33 -5.60
C GLU A 52 -2.31 13.17 -6.94
N GLU A 53 -1.21 13.89 -7.11
CA GLU A 53 -0.39 13.91 -8.35
C GLU A 53 0.86 13.04 -8.18
N GLU A 54 1.29 12.81 -6.95
CA GLU A 54 2.49 12.02 -6.65
C GLU A 54 2.16 11.02 -5.55
N VAL A 55 2.60 9.78 -5.74
CA VAL A 55 2.26 8.66 -4.83
C VAL A 55 3.54 7.98 -4.36
N LEU A 56 3.54 7.48 -3.13
CA LEU A 56 4.72 6.80 -2.55
C LEU A 56 4.63 5.29 -2.84
N LEU A 57 5.61 4.76 -3.55
CA LEU A 57 5.81 3.31 -3.66
C LEU A 57 7.00 2.88 -2.81
N VAL A 58 7.03 1.59 -2.52
CA VAL A 58 8.12 0.97 -1.72
C VAL A 58 8.68 -0.20 -2.51
N SER A 59 9.89 -0.58 -2.17
CA SER A 59 10.58 -1.70 -2.85
C SER A 59 10.04 -3.03 -2.28
N SER A 60 10.03 -4.07 -3.11
CA SER A 60 9.69 -5.44 -2.67
C SER A 60 10.83 -6.00 -1.81
N SER A 61 10.52 -6.69 -0.71
CA SER A 61 11.56 -7.31 0.16
C SER A 61 12.21 -8.48 -0.58
N ARG A 62 11.45 -9.17 -1.45
CA ARG A 62 11.93 -10.37 -2.20
C ARG A 62 12.76 -9.95 -3.41
N HIS A 63 12.43 -8.81 -4.03
CA HIS A 63 13.05 -8.30 -5.28
C HIS A 63 13.21 -6.78 -5.14
N PRO A 64 14.32 -6.30 -4.55
CA PRO A 64 14.45 -4.88 -4.22
C PRO A 64 14.44 -3.92 -5.42
N ASP A 65 14.55 -4.45 -6.64
CA ASP A 65 14.54 -3.67 -7.90
C ASP A 65 13.10 -3.44 -8.37
N ARG A 66 12.11 -3.98 -7.65
CA ARG A 66 10.67 -3.89 -7.99
C ARG A 66 9.96 -2.96 -7.02
N TRP A 67 9.01 -2.17 -7.52
CA TRP A 67 8.18 -1.24 -6.74
C TRP A 67 6.79 -1.82 -6.52
N ILE A 68 6.23 -1.57 -5.36
CA ILE A 68 4.87 -2.03 -5.00
C ILE A 68 4.17 -0.93 -4.22
N VAL A 69 2.86 -0.99 -4.16
CA VAL A 69 2.04 -0.16 -3.25
C VAL A 69 2.17 -0.75 -1.86
N PRO A 70 2.52 0.05 -0.84
CA PRO A 70 2.61 -0.47 0.52
C PRO A 70 1.24 -0.93 1.06
N GLY A 71 1.30 -2.06 1.75
CA GLY A 71 0.14 -2.67 2.38
C GLY A 71 0.50 -4.01 2.97
N GLY A 72 -0.46 -4.68 3.55
CA GLY A 72 -0.21 -6.00 4.12
C GLY A 72 -1.44 -6.54 4.82
N GLY A 73 -1.23 -7.59 5.61
CA GLY A 73 -2.35 -8.37 6.14
C GLY A 73 -3.10 -7.63 7.22
N MET A 74 -4.41 -7.83 7.27
CA MET A 74 -5.25 -7.36 8.40
CA MET A 74 -5.27 -7.38 8.41
C MET A 74 -5.15 -8.37 9.56
N GLU A 75 -5.09 -7.86 10.77
CA GLU A 75 -5.06 -8.67 12.00
C GLU A 75 -6.48 -9.06 12.38
N PRO A 76 -6.66 -10.08 13.24
CA PRO A 76 -8.01 -10.43 13.70
C PRO A 76 -8.76 -9.22 14.28
N GLU A 77 -10.01 -9.04 13.82
CA GLU A 77 -10.99 -7.99 14.23
C GLU A 77 -10.47 -6.59 13.94
N GLU A 78 -9.41 -6.46 13.16
CA GLU A 78 -8.80 -5.15 12.84
C GLU A 78 -9.59 -4.50 11.70
N GLU A 79 -10.13 -3.31 11.91
CA GLU A 79 -10.84 -2.56 10.84
C GLU A 79 -9.90 -2.35 9.66
N PRO A 80 -10.37 -2.45 8.40
CA PRO A 80 -9.46 -2.30 7.26
C PRO A 80 -8.75 -0.95 7.23
N SER A 81 -9.43 0.16 7.60
CA SER A 81 -8.81 1.51 7.62
C SER A 81 -7.65 1.54 8.63
N VAL A 82 -7.82 0.87 9.76
CA VAL A 82 -6.78 0.79 10.82
C VAL A 82 -5.60 -0.03 10.28
N ALA A 83 -5.87 -1.17 9.65
CA ALA A 83 -4.81 -2.01 9.08
C ALA A 83 -4.04 -1.24 8.01
N ALA A 84 -4.74 -0.50 7.15
CA ALA A 84 -4.09 0.22 6.04
C ALA A 84 -3.09 1.23 6.62
N VAL A 85 -3.49 2.01 7.63
CA VAL A 85 -2.63 3.06 8.26
C VAL A 85 -1.45 2.37 8.93
N ARG A 86 -1.70 1.29 9.65
CA ARG A 86 -0.62 0.56 10.35
C ARG A 86 0.39 0.07 9.32
N GLU A 87 -0.10 -0.58 8.25
CA GLU A 87 0.79 -1.19 7.24
C GLU A 87 1.63 -0.13 6.53
N VAL A 88 1.09 1.05 6.24
CA VAL A 88 1.92 2.09 5.54
C VAL A 88 2.93 2.69 6.53
N CYS A 89 2.63 2.73 7.82
CA CYS A 89 3.60 3.15 8.87
C CYS A 89 4.77 2.15 8.86
N GLU A 90 4.45 0.85 8.92
CA GLU A 90 5.47 -0.22 9.05
C GLU A 90 6.30 -0.29 7.75
N GLU A 91 5.65 -0.25 6.59
CA GLU A 91 6.35 -0.53 5.32
C GLU A 91 6.99 0.73 4.74
N ALA A 92 6.33 1.88 4.86
CA ALA A 92 6.72 3.12 4.14
C ALA A 92 7.17 4.23 5.09
N GLY A 93 6.94 4.11 6.40
CA GLY A 93 7.39 5.16 7.33
C GLY A 93 6.69 6.47 7.11
N VAL A 94 5.40 6.45 6.81
CA VAL A 94 4.62 7.68 6.64
C VAL A 94 3.35 7.59 7.46
N LYS A 95 2.84 8.75 7.84
CA LYS A 95 1.54 8.91 8.51
C LYS A 95 0.85 10.07 7.81
N GLY A 96 -0.45 10.14 7.96
CA GLY A 96 -1.17 11.25 7.33
C GLY A 96 -2.64 11.19 7.60
N THR A 97 -3.41 11.81 6.71
CA THR A 97 -4.86 11.96 6.88
C THR A 97 -5.55 10.93 6.01
N LEU A 98 -6.24 9.99 6.64
CA LEU A 98 -6.92 8.91 5.91
C LEU A 98 -8.07 9.53 5.13
N GLY A 99 -8.14 9.19 3.85
CA GLY A 99 -9.24 9.61 2.99
C GLY A 99 -10.11 8.42 2.62
N ARG A 100 -10.69 8.51 1.44
CA ARG A 100 -11.78 7.61 1.02
C ARG A 100 -11.27 6.19 0.78
N LEU A 101 -12.15 5.21 0.95
CA LEU A 101 -11.95 3.86 0.40
C LEU A 101 -12.05 3.97 -1.13
N VAL A 102 -11.04 3.52 -1.87
CA VAL A 102 -11.03 3.51 -3.36
C VAL A 102 -11.82 2.29 -3.82
N GLY A 103 -11.57 1.16 -3.20
CA GLY A 103 -12.26 -0.06 -3.58
C GLY A 103 -11.66 -1.27 -2.93
N ILE A 104 -12.21 -2.43 -3.25
CA ILE A 104 -11.74 -3.73 -2.72
C ILE A 104 -11.30 -4.50 -3.95
N PHE A 105 -10.06 -4.93 -4.00
CA PHE A 105 -9.40 -5.45 -5.20
C PHE A 105 -8.91 -6.87 -4.95
N GLU A 106 -9.29 -7.82 -5.81
CA GLU A 106 -8.79 -9.21 -5.74
C GLU A 106 -7.55 -9.37 -6.61
N ASN A 107 -6.55 -10.04 -6.07
CA ASN A 107 -5.46 -10.64 -6.85
C ASN A 107 -5.77 -12.15 -6.91
N GLN A 108 -6.40 -12.61 -7.99
CA GLN A 108 -6.87 -14.02 -8.15
C GLN A 108 -5.69 -14.99 -8.02
N GLU A 109 -4.55 -14.65 -8.64
CA GLU A 109 -3.34 -15.53 -8.70
C GLU A 109 -2.86 -15.83 -7.28
N ARG A 110 -2.87 -14.83 -6.39
CA ARG A 110 -2.29 -14.94 -5.03
C ARG A 110 -3.41 -15.17 -3.99
N LYS A 111 -4.67 -15.16 -4.41
CA LYS A 111 -5.85 -15.27 -3.52
C LYS A 111 -5.73 -14.21 -2.41
N HIS A 112 -5.62 -12.96 -2.84
CA HIS A 112 -5.62 -11.79 -1.94
C HIS A 112 -6.84 -10.93 -2.23
N ARG A 113 -7.43 -10.36 -1.18
CA ARG A 113 -8.50 -9.36 -1.33
C ARG A 113 -8.06 -8.16 -0.48
N THR A 114 -7.86 -7.04 -1.16
CA THR A 114 -7.19 -5.85 -0.56
C THR A 114 -8.15 -4.67 -0.55
N TYR A 115 -8.36 -4.09 0.64
CA TYR A 115 -9.03 -2.78 0.79
C TYR A 115 -7.99 -1.71 0.49
N VAL A 116 -8.27 -0.79 -0.39
CA VAL A 116 -7.34 0.28 -0.80
C VAL A 116 -7.93 1.63 -0.44
N TYR A 117 -7.20 2.38 0.37
CA TYR A 117 -7.59 3.74 0.83
C TYR A 117 -6.66 4.79 0.24
N VAL A 118 -7.16 6.02 0.15
CA VAL A 118 -6.33 7.22 -0.07
C VAL A 118 -5.78 7.67 1.30
N LEU A 119 -4.51 8.01 1.32
CA LEU A 119 -3.87 8.66 2.51
CA LEU A 119 -3.86 8.64 2.50
C LEU A 119 -3.14 9.88 2.01
N ILE A 120 -3.39 11.02 2.64
CA ILE A 120 -2.62 12.23 2.29
C ILE A 120 -1.49 12.36 3.32
N VAL A 121 -0.26 12.18 2.85
CA VAL A 121 0.93 12.09 3.76
C VAL A 121 1.17 13.45 4.43
N THR A 122 1.27 13.43 5.75
CA THR A 122 1.60 14.65 6.52
C THR A 122 2.87 14.43 7.33
N GLU A 123 3.34 13.21 7.51
CA GLU A 123 4.57 12.93 8.31
C GLU A 123 5.44 11.96 7.53
N VAL A 124 6.69 12.31 7.26
CA VAL A 124 7.65 11.39 6.64
C VAL A 124 8.68 11.06 7.70
N LEU A 125 8.69 9.85 8.20
CA LEU A 125 9.56 9.44 9.34
C LEU A 125 10.83 8.81 8.79
N GLU A 126 11.96 9.08 9.47
CA GLU A 126 13.27 8.68 8.89
C GLU A 126 13.73 7.24 9.19
N ASP A 127 13.32 6.60 10.29
CA ASP A 127 13.95 5.27 10.61
C ASP A 127 12.88 4.24 10.91
N TRP A 128 12.13 3.85 9.89
CA TRP A 128 10.84 3.15 10.09
C TRP A 128 11.09 1.64 10.12
N GLU A 129 10.08 0.85 10.48
CA GLU A 129 10.26 -0.57 10.85
C GLU A 129 10.96 -1.31 9.71
N ASP A 130 10.48 -1.19 8.47
CA ASP A 130 11.00 -2.01 7.35
C ASP A 130 12.30 -1.44 6.79
N SER A 131 12.60 -0.15 6.99
CA SER A 131 13.94 0.40 6.65
CA SER A 131 13.95 0.40 6.65
C SER A 131 14.99 -0.25 7.56
N VAL A 132 14.75 -0.20 8.87
CA VAL A 132 15.64 -0.77 9.91
C VAL A 132 15.81 -2.28 9.66
N ASN A 133 14.70 -2.98 9.46
CA ASN A 133 14.63 -4.47 9.58
C ASN A 133 15.03 -5.14 8.26
N ILE A 134 14.63 -4.60 7.09
CA ILE A 134 14.94 -5.25 5.78
C ILE A 134 15.46 -4.25 4.74
N GLY A 135 15.72 -2.98 5.08
CA GLY A 135 16.25 -1.98 4.14
C GLY A 135 15.29 -1.73 3.00
N ARG A 136 13.99 -1.76 3.30
CA ARG A 136 12.98 -1.40 2.29
C ARG A 136 13.18 0.06 1.90
N LYS A 137 13.09 0.37 0.61
CA LYS A 137 13.23 1.74 0.04
C LYS A 137 11.85 2.33 -0.25
N ARG A 138 11.78 3.65 -0.41
CA ARG A 138 10.54 4.38 -0.77
C ARG A 138 10.89 5.50 -1.75
N GLU A 139 9.97 5.83 -2.64
CA GLU A 139 10.19 6.81 -3.69
C GLU A 139 8.85 7.42 -4.13
N TRP A 140 8.82 8.72 -4.39
CA TRP A 140 7.63 9.40 -4.96
C TRP A 140 7.61 9.16 -6.47
N PHE A 141 6.41 8.89 -6.99
CA PHE A 141 6.13 8.73 -8.43
C PHE A 141 4.97 9.60 -8.85
N LYS A 142 5.09 10.30 -9.98
CA LYS A 142 3.92 10.80 -10.73
C LYS A 142 2.97 9.62 -10.94
N ILE A 143 1.66 9.86 -10.88
CA ILE A 143 0.67 8.75 -11.01
C ILE A 143 0.96 7.98 -12.31
N GLU A 144 1.19 8.65 -13.45
CA GLU A 144 1.41 7.96 -14.74
C GLU A 144 2.60 7.00 -14.62
N ASP A 145 3.64 7.41 -13.88
CA ASP A 145 4.87 6.59 -13.75
C ASP A 145 4.63 5.44 -12.77
N ALA A 146 3.86 5.68 -11.71
CA ALA A 146 3.50 4.59 -10.77
C ALA A 146 2.76 3.49 -11.56
N ILE A 147 1.80 3.86 -12.38
CA ILE A 147 1.05 2.86 -13.17
C ILE A 147 2.05 2.10 -14.06
N LYS A 148 2.96 2.81 -14.71
CA LYS A 148 3.97 2.18 -15.60
C LYS A 148 4.79 1.14 -14.84
N VAL A 149 5.34 1.47 -13.67
CA VAL A 149 6.30 0.56 -13.00
C VAL A 149 5.55 -0.59 -12.33
N LEU A 150 4.25 -0.43 -12.03
CA LEU A 150 3.46 -1.52 -11.41
C LEU A 150 2.92 -2.51 -12.44
N GLN A 151 2.80 -2.13 -13.71
CA GLN A 151 2.00 -2.90 -14.73
C GLN A 151 2.49 -4.34 -14.85
N TYR A 152 3.80 -4.56 -14.90
CA TYR A 152 4.33 -5.88 -15.30
C TYR A 152 4.09 -6.94 -14.21
N HIS A 153 4.49 -6.67 -12.96
CA HIS A 153 4.40 -7.65 -11.86
C HIS A 153 3.10 -7.49 -11.08
N LYS A 154 2.55 -6.27 -11.04
CA LYS A 154 1.40 -5.94 -10.16
C LYS A 154 0.31 -5.22 -10.94
N PRO A 155 -0.25 -5.82 -12.01
CA PRO A 155 -1.30 -5.14 -12.78
C PRO A 155 -2.52 -4.79 -11.93
N VAL A 156 -2.83 -5.57 -10.89
CA VAL A 156 -3.97 -5.23 -10.00
C VAL A 156 -3.63 -3.94 -9.23
N GLN A 157 -2.40 -3.82 -8.74
CA GLN A 157 -2.01 -2.57 -8.07
C GLN A 157 -2.04 -1.39 -9.06
N ALA A 158 -1.58 -1.58 -10.30
CA ALA A 158 -1.69 -0.50 -11.31
C ALA A 158 -3.17 -0.09 -11.43
N SER A 159 -4.11 -1.04 -11.33
CA SER A 159 -5.56 -0.74 -11.48
C SER A 159 -6.10 0.03 -10.29
N TYR A 160 -5.39 0.09 -9.16
CA TYR A 160 -5.83 0.93 -8.02
C TYR A 160 -5.98 2.40 -8.44
N PHE A 161 -5.19 2.83 -9.41
CA PHE A 161 -5.11 4.24 -9.89
C PHE A 161 -6.13 4.54 -10.99
N GLU A 162 -6.83 3.53 -11.50
CA GLU A 162 -7.77 3.69 -12.65
C GLU A 162 -8.95 4.58 -12.24
N THR A 163 -9.28 4.63 -10.95
CA THR A 163 -10.36 5.48 -10.35
C THR A 163 -11.72 4.93 -10.77
O31 5A3 B . 5.32 -16.42 -0.81
C2 5A3 B . 6.81 -13.99 -4.72
C1 5A3 B . 5.98 -13.94 -3.46
C4 5A3 B . 6.85 -11.49 -4.73
C5 5A3 B . 6.03 -11.47 -3.45
C6 5A3 B . 6.29 -12.72 -2.62
C3 5A3 B . 6.57 -12.74 -5.54
O11 5A3 B . 6.28 -15.12 -2.66
O75 5A3 B . 8.00 -9.49 -0.18
PB5 5A3 B . 7.08 -8.33 0.09
O55 5A3 B . 5.99 -8.66 1.07
O65 5A3 B . 7.85 -7.12 0.45
CB5 5A3 B . 6.33 -7.93 -1.49
PA5 5A3 B . 5.32 -9.19 -2.32
O25 5A3 B . 4.78 -8.57 -3.56
O35 5A3 B . 4.28 -9.78 -1.41
O15 5A3 B . 6.40 -10.30 -2.68
O16 5A3 B . 5.41 -12.68 -1.46
PA6 5A3 B . 5.96 -12.58 0.05
O46 5A3 B . 5.96 -14.00 0.59
O36 5A3 B . 7.35 -11.97 0.06
O26 5A3 B . 4.92 -11.68 0.71
PA1 5A3 B . 5.14 -16.19 -2.30
O41 5A3 B . 3.79 -15.58 -2.65
O21 5A3 B . 5.43 -17.43 -3.12
O12 5A3 B . 8.22 -14.02 -4.35
PA2 5A3 B . 9.23 -15.23 -4.74
O42 5A3 B . 9.53 -15.16 -6.22
O22 5A3 B . 10.46 -14.96 -3.89
O32 5A3 B . 8.55 -16.53 -4.36
O13 5A3 B . 7.48 -12.72 -6.68
PA3 5A3 B . 7.15 -13.48 -8.04
O43 5A3 B . 7.95 -14.78 -7.95
O33 5A3 B . 5.66 -13.73 -8.10
O23 5A3 B . 7.63 -12.56 -9.14
O14 5A3 B . 6.40 -10.38 -5.54
PA4 5A3 B . 7.27 -9.11 -5.92
O24 5A3 B . 6.61 -7.91 -5.20
O44 5A3 B . 8.72 -9.28 -5.44
O34 5A3 B . 7.15 -8.97 -7.45
S SO4 C . -0.71 -8.13 -3.87
O1 SO4 C . -1.09 -6.73 -3.75
O2 SO4 C . -0.03 -8.36 -5.13
O3 SO4 C . 0.22 -8.37 -2.79
O4 SO4 C . -1.86 -9.00 -3.75
#